data_3ON9
#
_entry.id   3ON9
#
_cell.length_a   72.416
_cell.length_b   73.438
_cell.length_c   112.412
_cell.angle_alpha   90.00
_cell.angle_beta   90.00
_cell.angle_gamma   90.00
#
_symmetry.space_group_name_H-M   'C 2 2 21'
#
loop_
_entity.id
_entity.type
_entity.pdbx_description
1 polymer 'Tumour necrosis factor receptor'
2 water water
#
_entity_poly.entity_id   1
_entity_poly.type   'polypeptide(L)'
_entity_poly.pdbx_seq_one_letter_code
;GAMGSFNSIDVEINMYPVNKTSCNSSIGSSSTISTSELTITLTHEDCTPVFIGDYYSVVDKLATSGFFTNDKVHQDLTTQ
CKINLEIKCNSGRESRQLTPTTKVYLMPHSETVTVVGDCLSNLDVYIVYANTDAIYSDMDVVAYHTSYILNVDHIPPNDC
ERD
;
_entity_poly.pdbx_strand_id   A,B
#
# COMPACT_ATOMS: atom_id res chain seq x y z
N GLY A 4 6.62 -12.14 -22.11
CA GLY A 4 5.49 -12.32 -21.20
C GLY A 4 4.67 -11.06 -21.02
N SER A 5 3.44 -11.20 -20.57
CA SER A 5 2.54 -10.07 -20.42
C SER A 5 2.30 -9.78 -18.94
N PHE A 6 1.89 -8.55 -18.64
CA PHE A 6 1.60 -8.21 -17.24
C PHE A 6 0.50 -9.10 -16.67
N ASN A 7 0.60 -9.42 -15.38
CA ASN A 7 -0.44 -10.14 -14.68
C ASN A 7 -0.95 -9.36 -13.48
N SER A 8 -0.51 -8.12 -13.36
CA SER A 8 -0.84 -7.30 -12.20
C SER A 8 -1.09 -5.86 -12.63
N ILE A 9 -2.19 -5.27 -12.16
CA ILE A 9 -2.43 -3.84 -12.37
C ILE A 9 -2.68 -3.19 -11.02
N ASP A 10 -2.00 -2.07 -10.80
CA ASP A 10 -2.06 -1.30 -9.58
C ASP A 10 -2.46 0.11 -10.00
N VAL A 11 -3.51 0.65 -9.38
CA VAL A 11 -3.92 2.01 -9.63
C VAL A 11 -3.88 2.74 -8.29
N GLU A 12 -3.16 3.86 -8.24
CA GLU A 12 -3.05 4.66 -7.03
C GLU A 12 -3.49 6.07 -7.32
N ILE A 13 -4.25 6.63 -6.38
CA ILE A 13 -4.68 8.02 -6.49
C ILE A 13 -4.40 8.72 -5.17
N ASN A 14 -3.51 9.73 -5.20
CA ASN A 14 -3.18 10.46 -3.98
C ASN A 14 -3.71 11.89 -4.09
N MET A 15 -4.31 12.40 -3.02
CA MET A 15 -5.12 13.61 -3.13
C MET A 15 -4.93 14.54 -1.94
N TYR A 16 -4.94 15.84 -2.20
CA TYR A 16 -4.88 16.84 -1.15
C TYR A 16 -5.56 18.11 -1.62
N PRO A 17 -6.40 18.72 -0.77
CA PRO A 17 -6.79 18.27 0.57
C PRO A 17 -8.11 17.50 0.52
N VAL A 18 -8.28 16.54 1.42
CA VAL A 18 -9.58 15.90 1.59
C VAL A 18 -10.14 16.28 2.95
N ASN A 19 -11.47 16.35 3.02
CA ASN A 19 -12.17 16.74 4.24
C ASN A 19 -12.95 15.59 4.86
N LYS A 20 -13.03 14.47 4.16
CA LYS A 20 -13.81 13.33 4.61
C LYS A 20 -12.95 12.08 4.68
N THR A 21 -13.21 11.26 5.70
CA THR A 21 -12.46 10.01 5.86
C THR A 21 -13.33 8.80 5.56
N SER A 22 -14.64 8.95 5.72
CA SER A 22 -15.54 7.82 5.46
C SER A 22 -15.82 7.66 3.98
N CYS A 23 -15.72 6.42 3.51
CA CYS A 23 -15.95 6.16 2.09
C CYS A 23 -16.79 4.91 1.87
N ASN A 24 -17.27 4.77 0.64
CA ASN A 24 -18.02 3.58 0.21
C ASN A 24 -17.41 3.04 -1.07
N SER A 25 -17.30 1.73 -1.15
CA SER A 25 -16.70 1.09 -2.31
C SER A 25 -17.66 0.16 -3.04
N SER A 26 -17.60 0.20 -4.37
CA SER A 26 -18.30 -0.79 -5.17
C SER A 26 -17.48 -1.25 -6.36
N ILE A 27 -16.94 -2.46 -6.26
CA ILE A 27 -16.10 -2.99 -7.33
C ILE A 27 -16.94 -3.68 -8.39
N GLY A 28 -16.44 -3.68 -9.62
CA GLY A 28 -17.16 -4.28 -10.74
C GLY A 28 -16.60 -3.74 -12.04
N SER A 29 -17.40 -3.81 -13.09
CA SER A 29 -17.02 -3.30 -14.41
C SER A 29 -16.61 -1.82 -14.34
N SER A 30 -17.33 -1.08 -13.53
CA SER A 30 -16.99 0.31 -13.24
C SER A 30 -16.84 0.41 -11.73
N SER A 31 -15.60 0.32 -11.26
CA SER A 31 -15.34 0.29 -9.82
C SER A 31 -15.28 1.69 -9.25
N THR A 32 -15.88 1.89 -8.08
CA THR A 32 -15.86 3.21 -7.46
C THR A 32 -15.39 3.21 -6.02
N ILE A 33 -14.66 4.27 -5.66
CA ILE A 33 -14.46 4.67 -4.28
C ILE A 33 -15.08 6.03 -4.15
N SER A 34 -15.96 6.24 -3.17
CA SER A 34 -16.57 7.56 -3.03
C SER A 34 -16.68 8.02 -1.58
N THR A 35 -16.39 9.30 -1.37
CA THR A 35 -16.78 9.99 -0.15
C THR A 35 -17.93 10.89 -0.57
N SER A 36 -18.40 11.74 0.33
CA SER A 36 -19.47 12.64 -0.03
C SER A 36 -18.95 13.83 -0.83
N GLU A 37 -17.63 13.92 -1.01
CA GLU A 37 -17.05 15.06 -1.74
C GLU A 37 -16.24 14.68 -2.99
N LEU A 38 -15.86 13.41 -3.10
CA LEU A 38 -15.03 12.94 -4.22
C LEU A 38 -15.43 11.55 -4.63
N THR A 39 -15.49 11.29 -5.94
CA THR A 39 -15.72 9.93 -6.41
C THR A 39 -14.62 9.57 -7.41
N ILE A 40 -14.03 8.40 -7.22
CA ILE A 40 -13.04 7.89 -8.15
C ILE A 40 -13.65 6.69 -8.87
N THR A 41 -13.72 6.77 -10.19
CA THR A 41 -14.35 5.74 -11.02
C THR A 41 -13.33 5.14 -11.97
N LEU A 42 -13.17 3.82 -11.88
CA LEU A 42 -12.22 3.06 -12.68
C LEU A 42 -12.91 2.06 -13.61
N THR A 43 -12.61 2.12 -14.89
CA THR A 43 -12.97 1.03 -15.80
C THR A 43 -11.72 0.33 -16.34
N HIS A 44 -11.91 -0.86 -16.89
CA HIS A 44 -10.80 -1.73 -17.21
C HIS A 44 -11.18 -2.69 -18.32
N GLU A 45 -11.84 -2.17 -19.35
CA GLU A 45 -12.33 -3.00 -20.44
CA GLU A 45 -12.32 -3.00 -20.45
C GLU A 45 -11.18 -3.71 -21.17
N ASP A 46 -11.35 -5.01 -21.39
CA ASP A 46 -10.39 -5.86 -22.11
C ASP A 46 -9.09 -6.08 -21.34
N CYS A 47 -9.09 -5.73 -20.05
CA CYS A 47 -7.96 -6.05 -19.17
C CYS A 47 -8.28 -7.38 -18.51
N THR A 48 -7.38 -8.34 -18.62
CA THR A 48 -7.67 -9.69 -18.11
C THR A 48 -7.57 -9.77 -16.58
N PRO A 49 -6.51 -9.21 -15.97
CA PRO A 49 -6.41 -9.31 -14.51
C PRO A 49 -7.60 -8.63 -13.85
N VAL A 50 -8.24 -9.32 -12.90
CA VAL A 50 -9.48 -8.80 -12.29
C VAL A 50 -9.20 -7.95 -11.06
N PHE A 51 -9.87 -6.81 -10.97
CA PHE A 51 -9.70 -5.95 -9.81
C PHE A 51 -10.44 -6.55 -8.62
N ILE A 52 -9.72 -6.69 -7.50
CA ILE A 52 -10.24 -7.41 -6.34
C ILE A 52 -10.27 -6.59 -5.06
N GLY A 53 -9.54 -5.48 -5.03
CA GLY A 53 -9.45 -4.74 -3.79
C GLY A 53 -9.24 -3.27 -4.01
N ASP A 54 -9.57 -2.48 -2.99
CA ASP A 54 -9.30 -1.06 -3.04
C ASP A 54 -9.08 -0.50 -1.65
N TYR A 55 -8.71 0.77 -1.58
CA TYR A 55 -8.45 1.39 -0.28
C TYR A 55 -8.52 2.90 -0.39
N TYR A 56 -8.70 3.55 0.75
CA TYR A 56 -8.76 5.00 0.87
C TYR A 56 -8.43 5.30 2.32
N SER A 57 -7.28 5.94 2.55
CA SER A 57 -6.77 6.12 3.89
C SER A 57 -6.19 7.52 4.03
N VAL A 58 -6.47 8.15 5.17
CA VAL A 58 -6.23 9.57 5.33
C VAL A 58 -5.37 9.90 6.56
N VAL A 59 -4.45 10.84 6.40
CA VAL A 59 -3.74 11.41 7.52
C VAL A 59 -3.92 12.91 7.41
N ASP A 60 -4.63 13.48 8.37
CA ASP A 60 -5.10 14.86 8.34
C ASP A 60 -5.93 15.14 7.09
N LYS A 61 -5.37 15.87 6.13
CA LYS A 61 -6.12 16.17 4.91
C LYS A 61 -5.50 15.50 3.69
N LEU A 62 -4.59 14.57 3.93
CA LEU A 62 -3.87 13.87 2.87
C LEU A 62 -4.42 12.45 2.70
N ALA A 63 -4.81 12.11 1.48
CA ALA A 63 -5.36 10.79 1.21
C ALA A 63 -4.50 9.98 0.23
N THR A 64 -4.36 8.70 0.53
CA THR A 64 -3.88 7.75 -0.48
C THR A 64 -5.02 6.78 -0.75
N SER A 65 -5.19 6.38 -2.00
CA SER A 65 -6.28 5.50 -2.38
C SER A 65 -5.86 4.68 -3.58
N GLY A 66 -6.60 3.62 -3.88
CA GLY A 66 -6.23 2.85 -5.06
C GLY A 66 -7.08 1.63 -5.28
N PHE A 67 -6.86 0.97 -6.41
CA PHE A 67 -7.48 -0.31 -6.75
C PHE A 67 -6.37 -1.23 -7.23
N PHE A 68 -6.51 -2.53 -7.00
CA PHE A 68 -5.50 -3.47 -7.51
C PHE A 68 -6.10 -4.80 -7.87
N THR A 69 -5.40 -5.55 -8.72
CA THR A 69 -5.89 -6.81 -9.22
C THR A 69 -5.28 -8.00 -8.53
N ASN A 70 -5.94 -9.13 -8.71
CA ASN A 70 -5.31 -10.42 -8.54
C ASN A 70 -4.08 -10.48 -9.44
N ASP A 71 -3.03 -11.14 -9.00
CA ASP A 71 -1.82 -11.20 -9.81
C ASP A 71 -1.47 -12.57 -10.38
N LYS A 72 -2.49 -13.44 -10.52
CA LYS A 72 -2.25 -14.81 -10.98
C LYS A 72 -2.55 -15.07 -12.46
N VAL A 73 -3.23 -14.16 -13.12
CA VAL A 73 -3.60 -14.35 -14.52
C VAL A 73 -2.95 -13.30 -15.41
N HIS A 74 -2.26 -13.74 -16.47
CA HIS A 74 -1.61 -12.82 -17.39
C HIS A 74 -2.57 -12.23 -18.40
N GLN A 75 -2.31 -10.98 -18.79
CA GLN A 75 -3.07 -10.30 -19.83
C GLN A 75 -3.08 -11.10 -21.14
N ASP A 76 -4.27 -11.24 -21.71
CA ASP A 76 -4.47 -11.85 -23.03
C ASP A 76 -3.84 -10.94 -24.07
N LEU A 77 -2.83 -11.42 -24.80
CA LEU A 77 -2.16 -10.53 -25.75
C LEU A 77 -3.02 -10.23 -26.98
N THR A 78 -4.17 -10.90 -27.09
CA THR A 78 -5.08 -10.65 -28.20
C THR A 78 -6.17 -9.62 -27.86
N THR A 79 -6.18 -9.14 -26.61
CA THR A 79 -7.08 -8.04 -26.25
C THR A 79 -6.27 -6.87 -25.68
N GLN A 80 -6.80 -5.66 -25.85
CA GLN A 80 -6.05 -4.45 -25.51
C GLN A 80 -6.62 -3.81 -24.25
N CYS A 81 -5.88 -3.92 -23.14
CA CYS A 81 -6.33 -3.41 -21.85
C CYS A 81 -6.49 -1.89 -21.89
N LYS A 82 -7.66 -1.41 -21.48
CA LYS A 82 -7.95 0.02 -21.43
C LYS A 82 -8.33 0.42 -20.02
N ILE A 83 -7.47 1.20 -19.35
CA ILE A 83 -7.76 1.69 -18.00
C ILE A 83 -8.24 3.12 -18.09
N ASN A 84 -9.47 3.38 -17.66
CA ASN A 84 -9.97 4.75 -17.57
C ASN A 84 -10.24 5.09 -16.12
N LEU A 85 -9.89 6.31 -15.73
CA LEU A 85 -10.03 6.73 -14.35
C LEU A 85 -10.54 8.15 -14.35
N GLU A 86 -11.57 8.41 -13.56
CA GLU A 86 -12.11 9.74 -13.42
C GLU A 86 -12.19 10.11 -11.95
N ILE A 87 -11.68 11.29 -11.61
CA ILE A 87 -11.82 11.83 -10.26
C ILE A 87 -12.84 12.96 -10.32
N LYS A 88 -13.97 12.77 -9.63
CA LYS A 88 -15.08 13.72 -9.71
C LYS A 88 -15.29 14.48 -8.40
N CYS A 89 -15.06 15.79 -8.45
CA CYS A 89 -15.31 16.68 -7.31
C CYS A 89 -16.79 16.94 -7.17
N ASN A 90 -17.24 17.16 -5.94
CA ASN A 90 -18.66 17.35 -5.67
C ASN A 90 -19.36 18.33 -6.59
N SER A 91 -18.79 19.51 -6.79
CA SER A 91 -19.46 20.50 -7.63
CA SER A 91 -19.46 20.50 -7.63
C SER A 91 -18.69 20.78 -8.92
N GLY A 92 -17.93 19.79 -9.37
CA GLY A 92 -17.17 19.94 -10.60
C GLY A 92 -18.03 20.19 -11.82
N ARG A 93 -17.71 21.24 -12.56
CA ARG A 93 -18.53 21.68 -13.67
C ARG A 93 -18.01 21.18 -15.01
N GLU A 94 -16.70 21.00 -15.12
CA GLU A 94 -16.15 20.61 -16.41
C GLU A 94 -15.00 19.63 -16.28
N SER A 95 -15.01 18.61 -17.14
CA SER A 95 -13.97 17.59 -17.16
C SER A 95 -12.73 18.07 -17.91
N ARG A 96 -11.60 17.50 -17.55
CA ARG A 96 -10.36 17.76 -18.27
C ARG A 96 -9.44 16.54 -18.16
N GLN A 97 -8.55 16.40 -19.13
CA GLN A 97 -7.67 15.26 -19.19
C GLN A 97 -6.32 15.59 -18.59
N LEU A 98 -5.75 14.63 -17.88
CA LEU A 98 -4.37 14.72 -17.39
C LEU A 98 -3.43 14.03 -18.36
N THR A 99 -2.22 14.56 -18.48
CA THR A 99 -1.23 14.02 -19.38
C THR A 99 -0.16 13.33 -18.57
N PRO A 100 0.21 12.10 -18.96
CA PRO A 100 1.21 11.34 -18.19
C PRO A 100 2.60 11.93 -18.37
N THR A 101 3.52 11.58 -17.48
CA THR A 101 4.85 12.15 -17.57
C THR A 101 5.76 11.39 -18.54
N THR A 102 5.34 10.22 -19.00
CA THR A 102 6.08 9.48 -20.02
C THR A 102 5.10 8.84 -20.98
N LYS A 103 5.56 8.46 -22.17
CA LYS A 103 4.69 7.76 -23.11
C LYS A 103 5.33 6.56 -23.79
N VAL A 104 6.53 6.19 -23.35
CA VAL A 104 7.21 5.02 -23.87
C VAL A 104 7.14 3.87 -22.88
N TYR A 105 6.48 2.78 -23.27
CA TYR A 105 6.21 1.65 -22.37
C TYR A 105 6.67 0.33 -22.95
N LEU A 106 6.83 -0.66 -22.09
CA LEU A 106 7.33 -1.96 -22.53
C LEU A 106 6.21 -2.92 -22.91
N MET A 107 5.01 -2.69 -22.35
CA MET A 107 3.90 -3.61 -22.55
C MET A 107 2.70 -2.85 -23.12
N PRO A 108 1.85 -3.55 -23.88
CA PRO A 108 0.64 -2.97 -24.47
C PRO A 108 -0.45 -2.67 -23.44
N HIS A 109 -0.91 -1.42 -23.44
CA HIS A 109 -2.06 -1.00 -22.65
C HIS A 109 -2.34 0.47 -23.01
N SER A 110 -3.56 0.92 -22.77
CA SER A 110 -3.91 2.32 -23.01
C SER A 110 -4.56 2.82 -21.74
N GLU A 111 -4.38 4.10 -21.44
CA GLU A 111 -5.01 4.64 -20.25
C GLU A 111 -5.39 6.11 -20.42
N THR A 112 -6.47 6.50 -19.74
CA THR A 112 -6.87 7.91 -19.68
C THR A 112 -7.25 8.24 -18.26
N VAL A 113 -6.86 9.44 -17.84
CA VAL A 113 -7.14 9.93 -16.51
C VAL A 113 -7.78 11.30 -16.65
N THR A 114 -8.94 11.46 -16.03
CA THR A 114 -9.75 12.67 -16.16
CA THR A 114 -9.67 12.71 -16.15
C THR A 114 -10.06 13.22 -14.77
N VAL A 115 -10.14 14.54 -14.64
CA VAL A 115 -10.56 15.15 -13.38
C VAL A 115 -11.71 16.13 -13.68
N VAL A 116 -12.69 16.18 -12.79
CA VAL A 116 -13.86 17.05 -12.96
C VAL A 116 -13.96 17.97 -11.75
N GLY A 117 -13.65 19.25 -11.96
CA GLY A 117 -13.62 20.21 -10.86
C GLY A 117 -12.22 20.53 -10.39
N ASP A 118 -12.12 21.53 -9.53
CA ASP A 118 -10.82 22.00 -9.05
C ASP A 118 -10.70 21.93 -7.54
N CYS A 119 -11.35 20.93 -6.94
CA CYS A 119 -11.38 20.80 -5.48
C CYS A 119 -10.04 20.33 -4.90
N LEU A 120 -9.16 19.80 -5.76
CA LEU A 120 -7.86 19.33 -5.27
C LEU A 120 -6.72 20.28 -5.61
N SER A 121 -5.87 20.56 -4.63
CA SER A 121 -4.64 21.32 -4.87
C SER A 121 -3.53 20.39 -5.38
N ASN A 122 -3.59 19.11 -5.01
CA ASN A 122 -2.63 18.13 -5.53
C ASN A 122 -3.35 16.84 -5.87
N LEU A 123 -3.11 16.31 -7.05
CA LEU A 123 -3.68 15.04 -7.46
C LEU A 123 -2.60 14.27 -8.19
N ASP A 124 -2.27 13.09 -7.69
CA ASP A 124 -1.28 12.21 -8.33
C ASP A 124 -2.00 10.91 -8.67
N VAL A 125 -1.74 10.40 -9.87
CA VAL A 125 -2.25 9.11 -10.28
C VAL A 125 -1.10 8.25 -10.81
N TYR A 126 -1.06 7.00 -10.39
CA TYR A 126 -0.15 6.02 -10.97
C TYR A 126 -0.94 4.81 -11.44
N ILE A 127 -0.73 4.44 -12.70
CA ILE A 127 -1.28 3.20 -13.22
C ILE A 127 -0.09 2.33 -13.57
N VAL A 128 0.01 1.18 -12.90
CA VAL A 128 1.24 0.39 -12.94
C VAL A 128 0.93 -1.03 -13.39
N TYR A 129 1.52 -1.42 -14.50
CA TYR A 129 1.36 -2.76 -15.02
C TYR A 129 2.64 -3.54 -14.77
N ALA A 130 2.51 -4.71 -14.16
CA ALA A 130 3.67 -5.54 -13.88
C ALA A 130 3.46 -7.00 -14.24
N ASN A 131 4.48 -7.59 -14.85
CA ASN A 131 4.59 -9.04 -14.94
C ASN A 131 5.38 -9.48 -13.72
N THR A 132 4.72 -10.12 -12.76
CA THR A 132 5.41 -10.53 -11.54
C THR A 132 6.54 -11.53 -11.79
N ASP A 133 6.57 -12.12 -12.99
CA ASP A 133 7.67 -12.99 -13.41
C ASP A 133 8.91 -12.20 -13.79
N ALA A 134 8.75 -10.90 -14.04
CA ALA A 134 9.84 -10.05 -14.53
C ALA A 134 10.45 -9.18 -13.43
N ILE A 135 11.66 -8.70 -13.66
CA ILE A 135 12.32 -7.85 -12.67
C ILE A 135 11.52 -6.58 -12.39
N TYR A 136 11.65 -6.07 -11.18
CA TYR A 136 10.92 -4.88 -10.75
C TYR A 136 11.09 -3.70 -11.72
N SER A 137 12.29 -3.52 -12.26
CA SER A 137 12.50 -2.35 -13.11
C SER A 137 11.84 -2.46 -14.49
N ASP A 138 11.24 -3.60 -14.79
CA ASP A 138 10.55 -3.79 -16.07
C ASP A 138 9.04 -3.47 -16.02
N MET A 139 8.56 -3.03 -14.87
CA MET A 139 7.15 -2.60 -14.77
C MET A 139 6.92 -1.34 -15.62
N ASP A 140 5.71 -1.15 -16.12
CA ASP A 140 5.33 0.12 -16.76
C ASP A 140 4.63 0.97 -15.70
N VAL A 141 5.15 2.17 -15.47
CA VAL A 141 4.58 3.10 -14.52
C VAL A 141 4.07 4.33 -15.25
N VAL A 142 2.75 4.47 -15.31
CA VAL A 142 2.16 5.64 -15.97
C VAL A 142 1.80 6.65 -14.89
N ALA A 143 2.50 7.79 -14.86
CA ALA A 143 2.35 8.74 -13.76
C ALA A 143 1.74 10.06 -14.19
N TYR A 144 0.85 10.60 -13.36
CA TYR A 144 0.21 11.88 -13.61
C TYR A 144 0.29 12.74 -12.35
N HIS A 145 0.53 14.03 -12.53
CA HIS A 145 0.58 14.96 -11.40
C HIS A 145 0.00 16.32 -11.78
N THR A 146 -0.94 16.84 -11.00
CA THR A 146 -1.47 18.18 -11.25
C THR A 146 -0.63 19.29 -10.64
N SER A 147 0.16 18.93 -9.61
CA SER A 147 0.96 19.91 -8.90
C SER A 147 2.14 19.19 -8.27
N TYR A 148 2.60 19.67 -7.12
CA TYR A 148 3.69 19.02 -6.41
C TYR A 148 3.29 17.60 -6.07
N ILE A 149 4.26 16.70 -6.14
CA ILE A 149 4.02 15.27 -5.90
C ILE A 149 3.92 14.97 -4.42
N LEU A 150 2.79 14.38 -4.02
CA LEU A 150 2.52 14.07 -2.62
C LEU A 150 3.34 12.89 -2.12
N ASN A 151 3.83 13.01 -0.88
CA ASN A 151 4.45 11.88 -0.21
C ASN A 151 3.41 11.22 0.68
N VAL A 152 3.03 9.99 0.33
CA VAL A 152 2.08 9.23 1.12
C VAL A 152 2.72 7.97 1.68
N ASP A 153 4.06 7.93 1.70
CA ASP A 153 4.74 6.76 2.26
C ASP A 153 4.21 6.40 3.64
N HIS A 154 4.09 5.10 3.87
CA HIS A 154 3.73 4.56 5.19
C HIS A 154 2.30 4.87 5.66
N ILE A 155 1.42 5.26 4.74
CA ILE A 155 -0.01 5.31 5.05
C ILE A 155 -0.59 3.96 4.59
N PRO A 156 -1.18 3.19 5.51
CA PRO A 156 -1.62 1.83 5.19
C PRO A 156 -2.88 1.80 4.30
N PRO A 157 -3.10 0.67 3.60
CA PRO A 157 -4.20 0.56 2.64
C PRO A 157 -5.51 0.13 3.28
N ASN A 158 -6.01 0.96 4.19
CA ASN A 158 -7.29 0.67 4.82
C ASN A 158 -8.42 0.72 3.81
N ASP A 159 -9.31 -0.28 3.85
CA ASP A 159 -10.45 -0.27 2.93
C ASP A 159 -11.61 0.56 3.49
N CYS A 160 -12.70 0.61 2.74
CA CYS A 160 -13.82 1.50 3.09
C CYS A 160 -14.78 0.92 4.11
N GLU A 161 -14.69 -0.38 4.35
CA GLU A 161 -15.70 -1.05 5.16
C GLU A 161 -15.55 -0.76 6.65
N ARG A 162 -16.59 -0.18 7.26
CA ARG A 162 -16.49 0.24 8.65
C ARG A 162 -17.06 -0.79 9.62
N ASP A 163 -17.65 -1.85 9.06
CA ASP A 163 -18.18 -2.96 9.88
C ASP A 163 -17.26 -3.31 11.04
N GLY B 4 -3.63 14.56 20.45
CA GLY B 4 -3.68 13.27 21.12
C GLY B 4 -2.56 12.33 20.70
N SER B 5 -2.65 11.09 21.18
CA SER B 5 -1.65 10.07 20.93
C SER B 5 -1.87 9.48 19.54
N PHE B 6 -0.99 8.61 19.09
CA PHE B 6 -1.22 7.97 17.81
C PHE B 6 -2.50 7.11 17.84
N ASN B 7 -3.17 7.01 16.70
CA ASN B 7 -4.32 6.12 16.56
C ASN B 7 -4.14 5.14 15.40
N SER B 8 -2.92 5.09 14.85
CA SER B 8 -2.65 4.25 13.70
C SER B 8 -1.26 3.66 13.83
N ILE B 9 -1.16 2.37 13.57
CA ILE B 9 0.15 1.72 13.47
C ILE B 9 0.23 1.01 12.13
N ASP B 10 1.35 1.21 11.44
CA ASP B 10 1.60 0.56 10.15
C ASP B 10 2.96 -0.11 10.26
N VAL B 11 3.04 -1.38 9.88
CA VAL B 11 4.29 -2.11 9.91
C VAL B 11 4.58 -2.61 8.49
N GLU B 12 5.72 -2.24 7.92
CA GLU B 12 6.07 -2.65 6.57
C GLU B 12 7.38 -3.40 6.60
N ILE B 13 7.42 -4.51 5.87
CA ILE B 13 8.60 -5.37 5.79
C ILE B 13 8.91 -5.64 4.32
N ASN B 14 10.03 -5.11 3.85
CA ASN B 14 10.43 -5.30 2.47
C ASN B 14 11.65 -6.22 2.42
N MET B 15 11.60 -7.19 1.52
CA MET B 15 12.55 -8.29 1.55
C MET B 15 13.06 -8.68 0.16
N TYR B 16 14.32 -9.08 0.10
CA TYR B 16 14.89 -9.65 -1.11
C TYR B 16 16.03 -10.60 -0.71
N PRO B 17 16.12 -11.76 -1.38
CA PRO B 17 15.19 -12.28 -2.38
C PRO B 17 14.21 -13.24 -1.72
N VAL B 18 12.99 -13.29 -2.23
CA VAL B 18 12.04 -14.31 -1.83
C VAL B 18 11.79 -15.19 -3.02
N ASN B 19 11.51 -16.46 -2.78
CA ASN B 19 11.32 -17.42 -3.85
C ASN B 19 9.88 -17.92 -3.91
N LYS B 20 9.11 -17.59 -2.88
CA LYS B 20 7.74 -18.08 -2.77
C LYS B 20 6.73 -16.94 -2.79
N THR B 21 5.63 -17.14 -3.51
CA THR B 21 4.57 -16.15 -3.56
C THR B 21 3.35 -16.55 -2.73
N SER B 22 3.17 -17.86 -2.56
CA SER B 22 2.06 -18.38 -1.77
C SER B 22 2.31 -18.19 -0.28
N CYS B 23 1.29 -17.76 0.44
CA CYS B 23 1.41 -17.52 1.87
C CYS B 23 0.13 -17.82 2.64
N ASN B 24 0.30 -18.01 3.95
CA ASN B 24 -0.83 -18.09 4.86
C ASN B 24 -0.69 -16.99 5.89
N SER B 25 -1.81 -16.37 6.26
CA SER B 25 -1.73 -15.31 7.24
C SER B 25 -2.81 -15.45 8.30
N SER B 26 -2.50 -14.88 9.45
CA SER B 26 -3.44 -14.81 10.52
C SER B 26 -3.27 -13.52 11.29
N ILE B 27 -4.37 -12.96 11.71
CA ILE B 27 -4.38 -11.75 12.45
C ILE B 27 -5.01 -11.97 13.79
N GLY B 28 -4.28 -11.62 14.84
CA GLY B 28 -4.74 -11.71 16.20
C GLY B 28 -3.63 -11.28 17.13
N SER B 29 -3.68 -11.72 18.36
CA SER B 29 -2.65 -11.36 19.33
C SER B 29 -1.27 -11.59 18.75
N SER B 30 -1.12 -12.72 18.05
CA SER B 30 0.12 -13.05 17.37
C SER B 30 -0.17 -13.12 15.87
N SER B 31 -0.07 -11.97 15.19
CA SER B 31 -0.32 -11.90 13.76
C SER B 31 0.87 -12.45 12.98
N THR B 32 0.59 -13.26 11.97
CA THR B 32 1.64 -13.94 11.24
C THR B 32 1.40 -13.94 9.74
N ILE B 33 2.51 -13.90 8.99
CA ILE B 33 2.53 -14.13 7.57
C ILE B 33 3.57 -15.23 7.38
N SER B 34 3.16 -16.36 6.81
CA SER B 34 4.12 -17.45 6.63
C SER B 34 4.13 -17.97 5.19
N THR B 35 5.33 -18.28 4.71
CA THR B 35 5.52 -19.00 3.45
C THR B 35 6.37 -20.22 3.79
N SER B 36 6.71 -21.02 2.79
CA SER B 36 7.53 -22.20 3.05
C SER B 36 8.95 -21.84 3.46
N GLU B 37 9.36 -20.60 3.22
CA GLU B 37 10.76 -20.22 3.50
C GLU B 37 10.92 -19.20 4.63
N LEU B 38 9.84 -18.50 4.96
CA LEU B 38 9.91 -17.44 5.97
C LEU B 38 8.66 -17.39 6.82
N THR B 39 8.82 -16.99 8.08
CA THR B 39 7.68 -16.66 8.92
C THR B 39 7.87 -15.29 9.55
N ILE B 40 6.88 -14.41 9.38
CA ILE B 40 6.92 -13.07 9.98
C ILE B 40 5.86 -13.01 11.08
N THR B 41 6.29 -12.73 12.31
CA THR B 41 5.40 -12.72 13.45
C THR B 41 5.39 -11.37 14.16
N LEU B 42 4.19 -10.80 14.30
CA LEU B 42 4.07 -9.51 14.96
C LEU B 42 3.30 -9.66 16.25
N THR B 43 3.87 -9.19 17.35
CA THR B 43 3.12 -9.05 18.59
C THR B 43 3.10 -7.57 19.02
N HIS B 44 2.12 -7.19 19.84
CA HIS B 44 1.84 -5.78 20.11
C HIS B 44 1.23 -5.55 21.49
N GLU B 45 1.93 -6.03 22.51
CA GLU B 45 1.49 -5.92 23.89
C GLU B 45 1.26 -4.46 24.33
N ASP B 46 0.12 -4.23 25.00
CA ASP B 46 -0.26 -2.93 25.54
C ASP B 46 -0.51 -1.84 24.49
N CYS B 47 -0.66 -2.24 23.23
CA CYS B 47 -1.00 -1.28 22.17
C CYS B 47 -2.51 -1.18 22.04
N THR B 48 -3.02 0.05 22.00
CA THR B 48 -4.47 0.25 21.93
C THR B 48 -5.06 0.01 20.53
N PRO B 49 -4.41 0.55 19.48
CA PRO B 49 -4.97 0.34 18.14
C PRO B 49 -5.02 -1.13 17.77
N VAL B 50 -6.06 -1.55 17.04
CA VAL B 50 -6.28 -2.94 16.75
C VAL B 50 -5.80 -3.30 15.34
N PHE B 51 -4.95 -4.33 15.23
CA PHE B 51 -4.47 -4.76 13.93
C PHE B 51 -5.54 -5.53 13.17
N ILE B 52 -5.83 -5.08 11.95
CA ILE B 52 -6.94 -5.62 11.17
C ILE B 52 -6.60 -5.99 9.73
N GLY B 53 -5.35 -5.77 9.33
CA GLY B 53 -5.00 -6.02 7.95
C GLY B 53 -3.57 -6.48 7.77
N ASP B 54 -3.33 -7.18 6.67
CA ASP B 54 -1.97 -7.57 6.31
C ASP B 54 -1.87 -7.79 4.81
N TYR B 55 -0.64 -7.89 4.33
CA TYR B 55 -0.40 -8.16 2.93
C TYR B 55 0.99 -8.74 2.72
N TYR B 56 1.17 -9.38 1.56
CA TYR B 56 2.42 -9.99 1.15
C TYR B 56 2.34 -10.06 -0.36
N SER B 57 3.18 -9.26 -1.02
CA SER B 57 3.07 -9.08 -2.46
C SER B 57 4.44 -9.11 -3.11
N VAL B 58 4.56 -9.87 -4.19
CA VAL B 58 5.87 -10.18 -4.76
C VAL B 58 5.94 -9.80 -6.23
N VAL B 59 7.08 -9.22 -6.62
CA VAL B 59 7.41 -8.99 -8.01
C VAL B 59 8.81 -9.56 -8.22
N ASP B 60 8.93 -10.57 -9.08
CA ASP B 60 10.24 -11.21 -9.25
C ASP B 60 10.63 -11.85 -7.90
N LYS B 61 11.75 -11.42 -7.32
CA LYS B 61 12.17 -11.93 -6.02
C LYS B 61 12.06 -10.88 -4.92
N LEU B 62 11.37 -9.79 -5.24
CA LEU B 62 11.20 -8.67 -4.32
C LEU B 62 9.83 -8.73 -3.67
N ALA B 63 9.79 -8.63 -2.34
CA ALA B 63 8.52 -8.68 -1.62
C ALA B 63 8.28 -7.43 -0.76
N THR B 64 7.04 -6.94 -0.80
CA THR B 64 6.59 -6.01 0.22
C THR B 64 5.50 -6.69 1.03
N SER B 65 5.46 -6.40 2.32
CA SER B 65 4.52 -7.08 3.19
C SER B 65 4.29 -6.22 4.41
N GLY B 66 3.24 -6.48 5.17
CA GLY B 66 3.07 -5.74 6.39
C GLY B 66 1.78 -6.02 7.13
N PHE B 67 1.61 -5.29 8.23
CA PHE B 67 0.45 -5.42 9.12
C PHE B 67 0.00 -4.00 9.44
N PHE B 68 -1.29 -3.77 9.60
CA PHE B 68 -1.74 -2.43 9.94
C PHE B 68 -3.03 -2.42 10.73
N THR B 69 -3.26 -1.33 11.45
CA THR B 69 -4.46 -1.11 12.23
C THR B 69 -5.44 -0.21 11.47
N ASN B 70 -6.67 -0.10 11.97
CA ASN B 70 -7.50 1.05 11.59
C ASN B 70 -7.23 2.21 12.57
N ASP B 71 -7.93 3.33 12.43
CA ASP B 71 -7.65 4.47 13.28
C ASP B 71 -8.78 4.80 14.24
N LYS B 72 -9.53 3.78 14.66
CA LYS B 72 -10.73 4.01 15.48
C LYS B 72 -10.44 4.45 16.93
N VAL B 73 -9.27 4.09 17.45
CA VAL B 73 -8.94 4.42 18.83
C VAL B 73 -7.50 4.90 19.02
N HIS B 74 -7.33 5.82 19.97
CA HIS B 74 -6.01 6.38 20.25
C HIS B 74 -5.31 5.57 21.34
N GLN B 75 -3.99 5.52 21.27
CA GLN B 75 -3.19 4.85 22.28
C GLN B 75 -3.40 5.44 23.67
N ASP B 76 -3.57 4.56 24.65
CA ASP B 76 -3.64 4.94 26.05
C ASP B 76 -2.28 5.46 26.47
N LEU B 77 -2.23 6.71 26.90
CA LEU B 77 -0.96 7.32 27.27
C LEU B 77 -0.37 6.71 28.55
N THR B 78 -1.17 5.99 29.32
CA THR B 78 -0.72 5.45 30.61
C THR B 78 -0.04 4.10 30.51
N THR B 79 0.11 3.60 29.29
CA THR B 79 0.79 2.33 29.06
C THR B 79 1.53 2.39 27.73
N GLN B 80 2.71 1.76 27.68
CA GLN B 80 3.56 1.86 26.49
C GLN B 80 3.25 0.76 25.48
N CYS B 81 2.83 1.14 24.28
CA CYS B 81 2.67 0.17 23.21
C CYS B 81 4.06 -0.45 22.94
N LYS B 82 4.14 -1.78 22.90
CA LYS B 82 5.37 -2.50 22.60
C LYS B 82 5.22 -3.39 21.36
N ILE B 83 5.82 -2.97 20.26
CA ILE B 83 5.75 -3.73 19.02
C ILE B 83 6.95 -4.66 18.93
N ASN B 84 6.70 -5.94 18.70
CA ASN B 84 7.77 -6.89 18.46
C ASN B 84 7.56 -7.55 17.13
N LEU B 85 8.60 -7.51 16.29
CA LEU B 85 8.50 -8.08 14.96
C LEU B 85 9.64 -9.07 14.76
N GLU B 86 9.28 -10.28 14.38
CA GLU B 86 10.26 -11.31 14.13
C GLU B 86 10.18 -11.75 12.68
N ILE B 87 11.30 -11.66 11.97
CA ILE B 87 11.41 -12.24 10.64
C ILE B 87 12.24 -13.50 10.76
N LYS B 88 11.61 -14.65 10.59
CA LYS B 88 12.32 -15.92 10.77
C LYS B 88 12.46 -16.75 9.50
N CYS B 89 13.71 -16.94 9.08
CA CYS B 89 14.01 -17.84 7.97
C CYS B 89 13.81 -19.26 8.44
N ASN B 90 13.18 -20.09 7.62
CA ASN B 90 12.82 -21.42 8.09
C ASN B 90 14.01 -22.37 8.17
N SER B 91 15.18 -21.86 7.81
CA SER B 91 16.41 -22.63 7.89
C SER B 91 17.25 -22.24 9.13
N GLY B 92 17.91 -21.09 9.05
CA GLY B 92 18.85 -20.67 10.09
C GLY B 92 18.26 -20.53 11.48
N ARG B 93 19.09 -20.70 12.50
CA ARG B 93 18.64 -20.64 13.90
C ARG B 93 19.22 -19.47 14.71
N GLU B 94 20.35 -18.93 14.27
CA GLU B 94 20.95 -17.79 14.95
C GLU B 94 20.05 -16.57 14.83
N SER B 95 19.97 -15.78 15.90
CA SER B 95 19.07 -14.64 15.88
C SER B 95 19.77 -13.36 16.28
N ARG B 96 19.26 -12.25 15.78
CA ARG B 96 19.83 -10.97 16.15
C ARG B 96 18.80 -9.87 16.12
N GLN B 97 19.14 -8.78 16.79
CA GLN B 97 18.26 -7.64 16.94
C GLN B 97 18.75 -6.51 16.05
N LEU B 98 17.85 -5.91 15.30
CA LEU B 98 18.21 -4.82 14.39
C LEU B 98 18.22 -3.48 15.11
N THR B 99 19.10 -2.60 14.69
CA THR B 99 19.18 -1.26 15.27
C THR B 99 18.55 -0.28 14.31
N PRO B 100 17.62 0.55 14.80
CA PRO B 100 16.94 1.49 13.90
C PRO B 100 17.78 2.72 13.65
N THR B 101 17.46 3.42 12.57
CA THR B 101 18.04 4.73 12.32
C THR B 101 17.73 5.60 13.53
N THR B 102 18.74 6.32 14.03
CA THR B 102 18.55 7.18 15.18
C THR B 102 17.70 8.39 14.80
N LYS B 103 16.64 8.64 15.56
CA LYS B 103 15.78 9.80 15.32
C LYS B 103 15.18 10.29 16.64
N VAL B 104 14.63 11.49 16.63
CA VAL B 104 13.86 11.99 17.76
C VAL B 104 12.39 11.79 17.49
N TYR B 105 11.71 11.04 18.35
CA TYR B 105 10.27 10.76 18.17
C TYR B 105 9.38 11.73 18.93
N LEU B 106 8.16 11.87 18.43
CA LEU B 106 7.19 12.78 19.01
C LEU B 106 6.28 12.08 20.01
N MET B 107 6.18 10.76 19.90
CA MET B 107 5.19 9.99 20.66
C MET B 107 5.85 8.80 21.34
N PRO B 108 5.33 8.40 22.51
CA PRO B 108 5.85 7.23 23.22
C PRO B 108 5.47 5.92 22.57
N HIS B 109 6.45 5.04 22.41
CA HIS B 109 6.24 3.68 21.92
C HIS B 109 7.58 2.94 21.94
N SER B 110 7.54 1.62 22.05
CA SER B 110 8.77 0.82 21.99
C SER B 110 8.64 -0.23 20.92
N GLU B 111 9.76 -0.55 20.27
CA GLU B 111 9.74 -1.55 19.24
C GLU B 111 11.03 -2.37 19.19
N THR B 112 10.88 -3.61 18.76
CA THR B 112 11.99 -4.56 18.66
C THR B 112 11.80 -5.31 17.34
N VAL B 113 12.90 -5.44 16.60
CA VAL B 113 12.89 -6.22 15.37
C VAL B 113 13.99 -7.28 15.46
N THR B 114 13.58 -8.53 15.31
CA THR B 114 14.45 -9.68 15.48
C THR B 114 14.46 -10.44 14.17
N VAL B 115 15.65 -10.75 13.65
CA VAL B 115 15.75 -11.59 12.46
C VAL B 115 16.46 -12.90 12.81
N VAL B 116 15.88 -14.02 12.38
CA VAL B 116 16.46 -15.33 12.64
C VAL B 116 16.91 -15.96 11.32
N GLY B 117 18.19 -16.32 11.24
CA GLY B 117 18.72 -16.94 10.04
C GLY B 117 19.26 -15.93 9.05
N ASP B 118 19.76 -16.41 7.91
CA ASP B 118 20.35 -15.54 6.89
C ASP B 118 19.70 -15.74 5.52
N CYS B 119 18.37 -15.79 5.52
CA CYS B 119 17.55 -15.95 4.32
C CYS B 119 17.70 -14.77 3.35
N LEU B 120 17.95 -13.58 3.89
CA LEU B 120 17.72 -12.36 3.13
C LEU B 120 18.98 -11.54 2.90
N SER B 121 19.13 -11.04 1.69
CA SER B 121 20.25 -10.14 1.41
C SER B 121 19.87 -8.69 1.70
N ASN B 122 18.59 -8.39 1.62
CA ASN B 122 18.08 -7.05 1.94
C ASN B 122 16.81 -7.15 2.75
N LEU B 123 16.75 -6.40 3.84
CA LEU B 123 15.56 -6.37 4.68
C LEU B 123 15.39 -4.95 5.18
N ASP B 124 14.23 -4.37 4.89
CA ASP B 124 13.89 -3.05 5.42
C ASP B 124 12.62 -3.20 6.23
N VAL B 125 12.60 -2.58 7.39
CA VAL B 125 11.40 -2.58 8.22
C VAL B 125 11.06 -1.15 8.60
N TYR B 126 9.77 -0.80 8.48
CA TYR B 126 9.30 0.48 8.98
C TYR B 126 8.16 0.22 9.94
N ILE B 127 8.26 0.77 11.14
CA ILE B 127 7.19 0.70 12.13
C ILE B 127 6.75 2.15 12.31
N VAL B 128 5.52 2.44 11.91
CA VAL B 128 5.10 3.82 11.77
C VAL B 128 3.86 4.13 12.59
N TYR B 129 3.99 5.10 13.48
CA TYR B 129 2.92 5.52 14.38
C TYR B 129 2.40 6.87 13.93
N ALA B 130 1.09 6.98 13.74
CA ALA B 130 0.51 8.25 13.31
C ALA B 130 -0.72 8.58 14.13
N ASN B 131 -0.87 9.85 14.47
CA ASN B 131 -2.15 10.40 14.87
C ASN B 131 -2.77 10.94 13.59
N THR B 132 -3.83 10.31 13.10
CA THR B 132 -4.37 10.68 11.80
C THR B 132 -5.06 12.05 11.81
N ASP B 133 -5.16 12.64 12.99
CA ASP B 133 -5.66 14.01 13.14
C ASP B 133 -4.53 15.03 13.01
N ALA B 134 -3.29 14.57 12.99
CA ALA B 134 -2.14 15.45 12.92
C ALA B 134 -1.53 15.43 11.51
N ILE B 135 -0.75 16.45 11.19
CA ILE B 135 -0.13 16.53 9.87
C ILE B 135 0.81 15.33 9.61
N TYR B 136 0.96 15.01 8.33
CA TYR B 136 1.78 13.89 7.89
C TYR B 136 3.22 13.92 8.42
N SER B 137 3.83 15.11 8.47
CA SER B 137 5.22 15.20 8.91
C SER B 137 5.40 14.87 10.41
N ASP B 138 4.30 14.76 11.13
CA ASP B 138 4.35 14.42 12.56
C ASP B 138 4.28 12.92 12.86
N MET B 139 4.19 12.06 11.85
CA MET B 139 4.25 10.62 12.09
C MET B 139 5.64 10.24 12.60
N ASP B 140 5.71 9.26 13.48
CA ASP B 140 6.99 8.69 13.91
C ASP B 140 7.27 7.50 13.02
N VAL B 141 8.41 7.53 12.33
CA VAL B 141 8.80 6.46 11.45
C VAL B 141 10.05 5.77 11.99
N VAL B 142 9.91 4.56 12.52
CA VAL B 142 11.06 3.83 13.01
C VAL B 142 11.54 2.90 11.90
N ALA B 143 12.75 3.15 11.40
CA ALA B 143 13.24 2.47 10.20
C ALA B 143 14.46 1.60 10.49
N TYR B 144 14.48 0.42 9.87
CA TYR B 144 15.59 -0.53 10.00
C TYR B 144 16.00 -0.97 8.61
N HIS B 145 17.31 -1.14 8.38
CA HIS B 145 17.83 -1.58 7.08
C HIS B 145 19.05 -2.47 7.27
N THR B 146 19.06 -3.64 6.64
CA THR B 146 20.23 -4.52 6.79
C THR B 146 21.28 -4.29 5.71
N SER B 147 20.88 -3.70 4.59
CA SER B 147 21.79 -3.55 3.46
C SER B 147 21.33 -2.40 2.58
N TYR B 148 21.55 -2.54 1.28
CA TYR B 148 21.03 -1.58 0.33
C TYR B 148 19.51 -1.49 0.49
N ILE B 149 18.96 -0.28 0.44
CA ILE B 149 17.52 -0.08 0.72
C ILE B 149 16.66 -0.34 -0.52
N LEU B 150 15.67 -1.20 -0.36
CA LEU B 150 14.82 -1.62 -1.47
C LEU B 150 13.76 -0.58 -1.81
N ASN B 151 13.42 -0.52 -3.09
CA ASN B 151 12.33 0.31 -3.57
C ASN B 151 11.17 -0.60 -3.93
N VAL B 152 10.06 -0.49 -3.19
CA VAL B 152 8.89 -1.31 -3.47
C VAL B 152 7.73 -0.46 -3.94
N ASP B 153 8.03 0.76 -4.39
CA ASP B 153 6.98 1.66 -4.86
C ASP B 153 6.09 0.96 -5.89
N HIS B 154 4.79 1.17 -5.73
CA HIS B 154 3.78 0.72 -6.70
C HIS B 154 3.46 -0.76 -6.69
N ILE B 155 4.04 -1.50 -5.76
CA ILE B 155 3.64 -2.89 -5.60
C ILE B 155 2.37 -2.92 -4.74
N PRO B 156 1.27 -3.45 -5.29
CA PRO B 156 0.01 -3.36 -4.55
C PRO B 156 -0.05 -4.33 -3.38
N PRO B 157 -0.95 -4.08 -2.41
CA PRO B 157 -1.05 -4.92 -1.22
C PRO B 157 -1.84 -6.21 -1.42
N ASN B 158 -1.42 -7.03 -2.40
CA ASN B 158 -1.96 -8.38 -2.55
C ASN B 158 -1.73 -9.14 -1.26
N ASP B 159 -2.55 -10.16 -0.98
CA ASP B 159 -2.42 -10.83 0.31
C ASP B 159 -2.47 -12.35 0.18
N CYS B 160 -2.70 -13.03 1.30
CA CYS B 160 -2.55 -14.49 1.32
C CYS B 160 -3.80 -15.22 0.90
N GLU B 161 -4.93 -14.51 0.84
CA GLU B 161 -6.20 -15.11 0.44
C GLU B 161 -6.14 -15.71 -0.96
N ARG B 162 -6.52 -16.97 -1.10
CA ARG B 162 -6.54 -17.62 -2.41
C ARG B 162 -7.91 -18.20 -2.75
N ASP B 163 -8.09 -18.60 -4.01
CA ASP B 163 -9.35 -19.16 -4.48
C ASP B 163 -9.14 -20.41 -5.32
#